data_6MC3
#
_entry.id   6MC3
#
_cell.length_a   34.135
_cell.length_b   46.430
_cell.length_c   71.894
_cell.angle_alpha   90.00
_cell.angle_beta   90.00
_cell.angle_gamma   90.00
#
_symmetry.space_group_name_H-M   'P 2 2 21'
#
loop_
_entity.id
_entity.type
_entity.pdbx_description
1 polymer "DNA (5'-D(*CP*GP*TP*GP*AP*GP*GP*CP*G)-3')"
2 non-polymer 'MAGNESIUM ION'
3 water water
#
_entity_poly.entity_id   1
_entity_poly.type   'polydeoxyribonucleotide'
_entity_poly.pdbx_seq_one_letter_code
;(DC)(DG)(DT)(DG)(DA)(DG)(DG)(DC)(DG)
;
_entity_poly.pdbx_strand_id   A,B,C,D
#